data_3T3Y
#
_entry.id   3T3Y
#
_cell.length_a   36.813
_cell.length_b   38.594
_cell.length_c   40.487
_cell.angle_alpha   71.250
_cell.angle_beta   72.210
_cell.angle_gamma   66.700
#
_symmetry.space_group_name_H-M   'P 1'
#
loop_
_entity.id
_entity.type
_entity.pdbx_description
1 polymer 'Alpha-ketoglutarate-dependent dioxygenase AlkB'
2 non-polymer 'FE (III) ION'
3 non-polymer N-[(3-hydroxypyridin-2-yl)carbonyl]glycine
4 water water
#
_entity_poly.entity_id   1
_entity_poly.type   'polypeptide(L)'
_entity_poly.pdbx_seq_one_letter_code
;MQEPLAAGAVILRRFAFNAAEQLIRDINDVASQSPFRQMVTPGGYTMSVAMTNCGHLGWTTHRQGYLYSPIDPQTNKPWP
AMPQSFHNLCQRAATAAGYPDFQPDACLINRYAPGAKLSLHQDKDEPDLRAPIVSVSLGLPAIFQFGGLKRNDPLKRLLL
EHGDVVVWGGESRLFYHGIQPLKAGFHPLTIDCRYNLTFRQAGKKE
;
_entity_poly.pdbx_strand_id   A
#
# COMPACT_ATOMS: atom_id res chain seq x y z
N ALA A 6 11.15 -5.57 -11.81
CA ALA A 6 11.13 -7.01 -11.61
C ALA A 6 10.14 -7.69 -12.56
N ALA A 7 10.39 -8.95 -12.87
CA ALA A 7 9.52 -9.73 -13.76
C ALA A 7 8.08 -9.78 -13.26
N GLY A 8 7.16 -9.32 -14.08
CA GLY A 8 5.76 -9.35 -13.73
C GLY A 8 5.25 -8.02 -13.20
N ALA A 9 6.15 -7.23 -12.64
CA ALA A 9 5.78 -5.92 -12.08
C ALA A 9 5.82 -4.84 -13.15
N VAL A 10 4.78 -4.01 -13.18
CA VAL A 10 4.66 -2.94 -14.15
C VAL A 10 4.73 -1.58 -13.46
N ILE A 11 5.67 -0.74 -13.84
CA ILE A 11 5.73 0.60 -13.25
C ILE A 11 5.11 1.62 -14.18
N LEU A 12 4.08 2.32 -13.69
CA LEU A 12 3.45 3.40 -14.46
C LEU A 12 3.75 4.74 -13.82
N ARG A 13 4.86 5.35 -14.22
CA ARG A 13 5.31 6.57 -13.56
C ARG A 13 4.33 7.75 -13.73
N ARG A 14 4.02 8.40 -12.61
CA ARG A 14 3.11 9.54 -12.62
C ARG A 14 1.72 9.21 -13.14
N PHE A 15 1.37 7.93 -13.14
CA PHE A 15 0.05 7.51 -13.59
C PHE A 15 -1.05 8.14 -12.72
N ALA A 16 -0.77 8.33 -11.44
CA ALA A 16 -1.74 8.90 -10.51
C ALA A 16 -1.48 10.38 -10.23
N PHE A 17 -0.71 11.04 -11.10
CA PHE A 17 -0.34 12.43 -10.85
C PHE A 17 -1.53 13.40 -10.88
N ASN A 18 -2.40 13.25 -11.88
CA ASN A 18 -3.53 14.16 -12.03
C ASN A 18 -4.60 13.88 -10.99
N ALA A 19 -4.61 12.66 -10.48
CA ALA A 19 -5.59 12.21 -9.49
C ALA A 19 -5.14 12.45 -8.06
N ALA A 20 -3.87 12.77 -7.87
CA ALA A 20 -3.26 12.84 -6.54
C ALA A 20 -4.02 13.72 -5.52
N GLU A 21 -4.40 14.91 -5.95
CA GLU A 21 -5.04 15.85 -5.04
C GLU A 21 -6.32 15.26 -4.46
N GLN A 22 -7.17 14.72 -5.34
CA GLN A 22 -8.41 14.08 -4.93
C GLN A 22 -8.15 12.86 -4.05
N LEU A 23 -7.17 12.05 -4.41
CA LEU A 23 -6.86 10.87 -3.64
C LEU A 23 -6.47 11.27 -2.23
N ILE A 24 -5.73 12.36 -2.09
CA ILE A 24 -5.26 12.79 -0.78
C ILE A 24 -6.40 13.30 0.09
N ARG A 25 -7.35 14.01 -0.54
CA ARG A 25 -8.57 14.43 0.15
C ARG A 25 -9.33 13.22 0.68
N ASP A 26 -9.37 12.16 -0.12
CA ASP A 26 -10.09 10.94 0.26
C ASP A 26 -9.37 10.15 1.35
N ILE A 27 -8.04 10.08 1.27
CA ILE A 27 -7.26 9.60 2.42
C ILE A 27 -7.67 10.31 3.72
N ASN A 28 -7.64 11.64 3.69
CA ASN A 28 -8.05 12.41 4.87
C ASN A 28 -9.45 12.04 5.35
N ASP A 29 -10.38 11.89 4.41
CA ASP A 29 -11.74 11.49 4.76
C ASP A 29 -11.78 10.09 5.35
N VAL A 30 -11.02 9.16 4.78
CA VAL A 30 -11.00 7.79 5.34
C VAL A 30 -10.44 7.81 6.75
N ALA A 31 -9.34 8.54 6.95
CA ALA A 31 -8.67 8.63 8.25
C ALA A 31 -9.48 9.38 9.31
N SER A 32 -10.43 10.20 8.88
CA SER A 32 -11.33 10.88 9.82
C SER A 32 -12.29 9.88 10.47
N GLN A 33 -12.47 8.72 9.84
CA GLN A 33 -13.37 7.68 10.34
C GLN A 33 -12.60 6.52 10.97
N SER A 34 -11.63 5.97 10.22
CA SER A 34 -10.68 4.99 10.74
C SER A 34 -9.30 5.63 10.74
N PRO A 35 -8.91 6.23 11.88
CA PRO A 35 -7.65 6.98 12.02
C PRO A 35 -6.39 6.16 11.74
N PHE A 36 -5.33 6.82 11.27
CA PHE A 36 -4.04 6.18 11.14
C PHE A 36 -3.58 5.70 12.50
N ARG A 37 -3.04 4.48 12.55
CA ARG A 37 -2.41 4.00 13.76
C ARG A 37 -1.14 3.23 13.40
N GLN A 38 -0.16 3.28 14.29
CA GLN A 38 1.04 2.47 14.15
C GLN A 38 0.78 1.12 14.79
N MET A 39 0.63 0.09 13.97
CA MET A 39 0.26 -1.22 14.48
C MET A 39 1.44 -1.84 15.20
N VAL A 40 1.15 -2.68 16.20
CA VAL A 40 2.19 -3.42 16.90
C VAL A 40 2.32 -4.81 16.29
N THR A 41 3.52 -5.11 15.80
CA THR A 41 3.83 -6.43 15.26
C THR A 41 3.71 -7.48 16.36
N PRO A 42 3.45 -8.75 15.99
CA PRO A 42 3.47 -9.84 16.97
C PRO A 42 4.83 -9.94 17.66
N GLY A 43 5.84 -9.25 17.10
CA GLY A 43 7.15 -9.18 17.71
C GLY A 43 7.24 -8.13 18.80
N GLY A 44 6.15 -7.38 18.98
CA GLY A 44 6.08 -6.38 20.03
C GLY A 44 6.68 -5.04 19.66
N TYR A 45 7.07 -4.88 18.40
CA TYR A 45 7.62 -3.62 17.94
C TYR A 45 6.52 -2.75 17.35
N THR A 46 6.52 -1.47 17.71
CA THR A 46 5.61 -0.50 17.09
C THR A 46 6.20 -0.05 15.76
N MET A 47 5.44 -0.22 14.69
CA MET A 47 5.88 0.15 13.35
C MET A 47 6.10 1.66 13.26
N SER A 48 7.09 2.05 12.48
CA SER A 48 7.32 3.46 12.17
C SER A 48 6.25 3.98 11.21
N VAL A 49 5.76 3.10 10.34
CA VAL A 49 4.69 3.43 9.42
C VAL A 49 3.35 3.38 10.14
N ALA A 50 2.50 4.38 9.88
CA ALA A 50 1.14 4.39 10.40
C ALA A 50 0.19 3.92 9.30
N MET A 51 -0.86 3.20 9.68
CA MET A 51 -1.75 2.58 8.69
C MET A 51 -3.21 2.78 8.98
N THR A 52 -4.01 2.66 7.92
CA THR A 52 -5.44 2.46 8.05
C THR A 52 -5.90 1.70 6.81
N ASN A 53 -7.21 1.46 6.70
CA ASN A 53 -7.75 0.72 5.55
C ASN A 53 -9.07 1.33 5.11
N CYS A 54 -9.42 1.11 3.86
CA CYS A 54 -10.77 1.35 3.38
C CYS A 54 -11.18 0.19 2.48
N GLY A 55 -12.49 0.03 2.28
CA GLY A 55 -13.00 -1.05 1.46
C GLY A 55 -13.70 -2.08 2.33
N HIS A 56 -14.12 -3.19 1.74
CA HIS A 56 -14.84 -4.22 2.47
C HIS A 56 -13.96 -4.88 3.54
N LEU A 57 -12.68 -5.06 3.22
CA LEU A 57 -11.74 -5.72 4.11
C LEU A 57 -10.51 -4.84 4.38
N GLY A 58 -9.96 -4.97 5.59
CA GLY A 58 -8.81 -4.18 5.97
C GLY A 58 -7.77 -5.05 6.65
N TRP A 59 -6.51 -4.82 6.29
CA TRP A 59 -5.40 -5.57 6.89
C TRP A 59 -5.06 -4.96 8.25
N THR A 60 -5.02 -5.80 9.27
CA THR A 60 -4.76 -5.31 10.62
C THR A 60 -4.17 -6.41 11.51
N THR A 61 -3.76 -6.03 12.72
CA THR A 61 -3.29 -6.99 13.71
C THR A 61 -4.42 -7.36 14.66
N HIS A 62 -4.53 -8.65 14.98
CA HIS A 62 -5.53 -9.11 15.93
C HIS A 62 -5.03 -10.34 16.67
N ARG A 63 -5.00 -10.25 18.00
CA ARG A 63 -4.54 -11.34 18.86
C ARG A 63 -3.11 -11.79 18.50
N GLN A 64 -2.20 -10.82 18.42
CA GLN A 64 -0.80 -11.12 18.13
C GLN A 64 -0.64 -11.83 16.78
N GLY A 65 -1.26 -11.26 15.75
CA GLY A 65 -1.21 -11.82 14.42
C GLY A 65 -1.91 -10.95 13.40
N TYR A 66 -1.71 -11.24 12.11
CA TYR A 66 -2.30 -10.42 11.05
C TYR A 66 -3.46 -11.12 10.33
N LEU A 67 -4.43 -10.32 9.87
CA LEU A 67 -5.57 -10.84 9.11
C LEU A 67 -6.31 -9.75 8.35
N TYR A 68 -7.09 -10.15 7.36
CA TYR A 68 -8.05 -9.26 6.75
C TYR A 68 -9.36 -9.32 7.54
N SER A 69 -9.88 -8.16 7.91
CA SER A 69 -11.10 -8.10 8.73
C SER A 69 -12.06 -7.05 8.18
N PRO A 70 -13.37 -7.33 8.26
CA PRO A 70 -14.39 -6.36 7.85
C PRO A 70 -14.46 -5.19 8.83
N ILE A 71 -13.95 -5.38 10.05
CA ILE A 71 -14.13 -4.41 11.13
C ILE A 71 -12.81 -3.79 11.57
N ASP A 72 -12.82 -2.49 11.78
CA ASP A 72 -11.67 -1.79 12.33
C ASP A 72 -11.63 -1.98 13.85
N PRO A 73 -10.61 -2.69 14.35
CA PRO A 73 -10.53 -3.04 15.78
C PRO A 73 -10.42 -1.81 16.66
N GLN A 74 -9.94 -0.70 16.10
CA GLN A 74 -9.85 0.54 16.88
C GLN A 74 -11.23 1.20 17.08
N THR A 75 -12.08 1.14 16.07
CA THR A 75 -13.39 1.79 16.15
C THR A 75 -14.54 0.81 16.42
N ASN A 76 -14.29 -0.47 16.13
CA ASN A 76 -15.34 -1.51 16.15
C ASN A 76 -16.44 -1.29 15.13
N LYS A 77 -16.11 -0.51 14.09
CA LYS A 77 -17.03 -0.23 12.98
C LYS A 77 -16.37 -0.75 11.70
N PRO A 78 -17.16 -0.96 10.64
CA PRO A 78 -16.55 -1.35 9.37
C PRO A 78 -15.55 -0.29 8.95
N TRP A 79 -14.49 -0.69 8.26
CA TRP A 79 -13.61 0.26 7.60
C TRP A 79 -14.45 1.13 6.68
N PRO A 80 -14.03 2.38 6.43
CA PRO A 80 -14.80 3.24 5.53
C PRO A 80 -14.86 2.60 4.14
N ALA A 81 -15.94 2.86 3.41
CA ALA A 81 -16.06 2.33 2.06
C ALA A 81 -14.94 2.86 1.18
N MET A 82 -14.60 2.09 0.15
CA MET A 82 -13.59 2.51 -0.83
C MET A 82 -14.03 3.79 -1.55
N PRO A 83 -13.22 4.86 -1.49
CA PRO A 83 -13.57 6.09 -2.21
C PRO A 83 -13.68 5.84 -3.72
N GLN A 84 -14.47 6.65 -4.41
CA GLN A 84 -14.59 6.54 -5.86
C GLN A 84 -13.25 6.78 -6.56
N SER A 85 -12.52 7.80 -6.10
CA SER A 85 -11.25 8.14 -6.72
C SER A 85 -10.30 6.94 -6.64
N PHE A 86 -10.28 6.28 -5.47
CA PHE A 86 -9.46 5.08 -5.27
C PHE A 86 -9.86 4.00 -6.25
N HIS A 87 -11.15 3.67 -6.27
CA HIS A 87 -11.64 2.64 -7.18
C HIS A 87 -11.33 2.96 -8.64
N ASN A 88 -11.57 4.20 -9.07
CA ASN A 88 -11.34 4.56 -10.47
C ASN A 88 -9.87 4.42 -10.84
N LEU A 89 -8.99 5.06 -10.06
CA LEU A 89 -7.57 5.00 -10.38
C LEU A 89 -7.02 3.58 -10.36
N CYS A 90 -7.45 2.76 -9.40
CA CYS A 90 -6.98 1.38 -9.31
C CYS A 90 -7.37 0.60 -10.56
N GLN A 91 -8.58 0.81 -11.04
CA GLN A 91 -9.06 0.10 -12.22
C GLN A 91 -8.38 0.55 -13.50
N ARG A 92 -8.13 1.85 -13.63
CA ARG A 92 -7.41 2.34 -14.79
C ARG A 92 -5.98 1.77 -14.82
N ALA A 93 -5.33 1.71 -13.66
CA ALA A 93 -3.99 1.14 -13.55
C ALA A 93 -3.98 -0.36 -13.82
N ALA A 94 -4.83 -1.09 -13.11
CA ALA A 94 -4.89 -2.53 -13.24
C ALA A 94 -5.18 -2.96 -14.68
N THR A 95 -6.06 -2.24 -15.36
CA THR A 95 -6.38 -2.57 -16.75
C THR A 95 -5.22 -2.29 -17.69
N ALA A 96 -4.60 -1.12 -17.54
CA ALA A 96 -3.44 -0.77 -18.35
C ALA A 96 -2.36 -1.86 -18.26
N ALA A 97 -2.17 -2.42 -17.07
CA ALA A 97 -1.13 -3.44 -16.88
C ALA A 97 -1.60 -4.85 -17.22
N GLY A 98 -2.81 -4.94 -17.79
CA GLY A 98 -3.34 -6.20 -18.27
C GLY A 98 -4.05 -7.08 -17.24
N TYR A 99 -4.69 -6.46 -16.26
CA TYR A 99 -5.42 -7.21 -15.24
C TYR A 99 -6.87 -6.76 -15.14
N PRO A 100 -7.66 -7.05 -16.19
CA PRO A 100 -9.02 -6.55 -16.36
C PRO A 100 -9.97 -7.07 -15.31
N ASP A 101 -9.73 -8.28 -14.83
CA ASP A 101 -10.62 -8.91 -13.86
C ASP A 101 -10.29 -8.54 -12.43
N PHE A 102 -9.27 -7.71 -12.24
CA PHE A 102 -8.93 -7.28 -10.90
C PHE A 102 -10.16 -6.63 -10.30
N GLN A 103 -10.54 -7.08 -9.11
CA GLN A 103 -11.69 -6.52 -8.41
C GLN A 103 -11.29 -6.34 -6.96
N PRO A 104 -10.64 -5.20 -6.63
CA PRO A 104 -10.14 -5.06 -5.27
C PRO A 104 -11.27 -4.81 -4.28
N ASP A 105 -11.08 -5.25 -3.05
CA ASP A 105 -12.06 -5.11 -1.98
C ASP A 105 -11.33 -4.69 -0.71
N ALA A 106 -10.06 -4.35 -0.86
CA ALA A 106 -9.25 -3.92 0.27
C ALA A 106 -8.23 -2.91 -0.20
N CYS A 107 -8.11 -1.82 0.54
CA CYS A 107 -7.05 -0.86 0.28
C CYS A 107 -6.34 -0.50 1.58
N LEU A 108 -5.08 -0.92 1.70
CA LEU A 108 -4.26 -0.57 2.84
C LEU A 108 -3.59 0.78 2.59
N ILE A 109 -3.70 1.69 3.54
CA ILE A 109 -3.16 3.03 3.41
C ILE A 109 -2.02 3.21 4.41
N ASN A 110 -0.79 3.40 3.90
CA ASN A 110 0.40 3.60 4.71
C ASN A 110 0.75 5.08 4.75
N ARG A 111 1.16 5.59 5.92
CA ARG A 111 1.65 6.97 6.00
C ARG A 111 3.05 6.96 6.61
N TYR A 112 4.00 7.59 5.93
CA TYR A 112 5.39 7.62 6.35
C TYR A 112 5.81 9.02 6.74
N ALA A 113 6.22 9.20 8.00
CA ALA A 113 6.92 10.42 8.38
C ALA A 113 8.40 10.20 8.12
N PRO A 114 9.19 11.29 8.07
CA PRO A 114 10.63 11.15 7.83
C PRO A 114 11.21 10.13 8.80
N GLY A 115 12.08 9.25 8.31
CA GLY A 115 12.65 8.22 9.17
C GLY A 115 11.90 6.90 9.13
N ALA A 116 10.60 6.99 8.86
CA ALA A 116 9.75 5.80 8.80
C ALA A 116 10.14 4.87 7.64
N LYS A 117 10.00 3.57 7.87
CA LYS A 117 10.46 2.57 6.91
C LYS A 117 9.52 1.38 6.99
N LEU A 118 9.51 0.54 5.96
CA LEU A 118 8.72 -0.67 6.02
C LEU A 118 9.65 -1.87 5.83
N SER A 119 9.69 -2.74 6.85
CA SER A 119 10.61 -3.87 6.86
C SER A 119 10.29 -4.84 5.73
N LEU A 120 11.31 -5.62 5.34
CA LEU A 120 11.22 -6.58 4.25
C LEU A 120 10.15 -7.62 4.54
N HIS A 121 9.28 -7.86 3.57
CA HIS A 121 8.15 -8.74 3.80
C HIS A 121 7.56 -9.21 2.47
N GLN A 122 6.72 -10.24 2.54
CA GLN A 122 5.93 -10.68 1.40
C GLN A 122 4.48 -10.40 1.70
N ASP A 123 3.70 -10.09 0.67
CA ASP A 123 2.25 -10.11 0.79
C ASP A 123 1.72 -11.46 0.30
N LYS A 124 1.54 -12.38 1.23
CA LYS A 124 1.14 -13.74 0.87
C LYS A 124 -0.18 -14.13 1.55
N ASP A 125 -0.89 -13.14 2.08
CA ASP A 125 -2.08 -13.41 2.86
C ASP A 125 -3.38 -13.35 2.05
N GLU A 126 -3.28 -13.12 0.74
CA GLU A 126 -4.47 -13.09 -0.11
C GLU A 126 -4.84 -14.47 -0.64
N PRO A 127 -6.15 -14.74 -0.79
CA PRO A 127 -6.66 -16.05 -1.25
C PRO A 127 -6.11 -16.45 -2.62
N ASP A 128 -6.24 -15.56 -3.61
CA ASP A 128 -5.72 -15.83 -4.95
C ASP A 128 -4.44 -15.03 -5.20
N LEU A 129 -3.31 -15.73 -5.27
CA LEU A 129 -2.05 -15.05 -5.54
C LEU A 129 -1.86 -14.72 -7.02
N ARG A 130 -2.81 -15.15 -7.84
CA ARG A 130 -2.79 -14.81 -9.26
C ARG A 130 -3.19 -13.35 -9.45
N ALA A 131 -3.94 -12.82 -8.50
CA ALA A 131 -4.36 -11.42 -8.53
C ALA A 131 -3.20 -10.52 -8.10
N PRO A 132 -3.02 -9.41 -8.81
CA PRO A 132 -1.90 -8.51 -8.51
C PRO A 132 -2.19 -7.65 -7.29
N ILE A 133 -1.21 -6.85 -6.89
CA ILE A 133 -1.48 -5.77 -5.95
C ILE A 133 -1.18 -4.49 -6.70
N VAL A 134 -2.07 -3.50 -6.56
CA VAL A 134 -1.87 -2.20 -7.18
C VAL A 134 -1.40 -1.21 -6.12
N SER A 135 -0.26 -0.59 -6.38
CA SER A 135 0.38 0.25 -5.39
C SER A 135 0.60 1.67 -5.91
N VAL A 136 0.13 2.63 -5.11
CA VAL A 136 0.13 4.03 -5.50
C VAL A 136 0.94 4.85 -4.51
N SER A 137 1.89 5.63 -5.03
CA SER A 137 2.74 6.49 -4.22
C SER A 137 2.32 7.94 -4.33
N LEU A 138 2.29 8.63 -3.19
CA LEU A 138 1.90 10.03 -3.13
C LEU A 138 2.80 10.80 -2.15
N GLY A 139 3.15 12.03 -2.50
CA GLY A 139 3.97 12.85 -1.64
C GLY A 139 5.47 12.61 -1.79
N LEU A 140 6.17 12.51 -0.67
CA LEU A 140 7.63 12.43 -0.67
C LEU A 140 8.11 11.15 -1.32
N PRO A 141 9.24 11.24 -2.04
CA PRO A 141 9.80 10.05 -2.70
C PRO A 141 10.40 9.06 -1.71
N ALA A 142 10.34 7.78 -2.08
CA ALA A 142 10.81 6.69 -1.23
C ALA A 142 11.59 5.68 -2.07
N ILE A 143 12.54 5.01 -1.46
CA ILE A 143 13.31 3.97 -2.13
C ILE A 143 12.67 2.63 -1.85
N PHE A 144 12.16 2.02 -2.90
CA PHE A 144 11.51 0.72 -2.81
C PHE A 144 12.56 -0.33 -3.09
N GLN A 145 12.65 -1.33 -2.22
CA GLN A 145 13.60 -2.41 -2.43
C GLN A 145 12.87 -3.74 -2.52
N PHE A 146 13.37 -4.62 -3.39
CA PHE A 146 12.74 -5.92 -3.57
C PHE A 146 13.79 -6.96 -3.92
N GLY A 147 13.61 -8.17 -3.40
CA GLY A 147 14.58 -9.23 -3.62
C GLY A 147 13.98 -10.36 -4.44
N GLY A 148 13.70 -11.46 -3.77
CA GLY A 148 13.08 -12.61 -4.41
C GLY A 148 12.24 -13.39 -3.43
N LEU A 149 12.22 -14.71 -3.62
CA LEU A 149 11.42 -15.62 -2.81
C LEU A 149 12.02 -15.93 -1.43
N LYS A 150 13.30 -15.59 -1.23
CA LYS A 150 13.92 -15.84 0.06
C LYS A 150 14.35 -14.55 0.77
N ARG A 151 14.21 -14.55 2.10
CA ARG A 151 14.60 -13.39 2.90
C ARG A 151 16.02 -12.87 2.62
N ASN A 152 16.93 -13.77 2.25
CA ASN A 152 18.32 -13.38 2.02
C ASN A 152 18.69 -13.04 0.57
N ASP A 153 17.75 -13.19 -0.36
CA ASP A 153 18.00 -12.82 -1.75
C ASP A 153 18.50 -11.38 -1.87
N PRO A 154 19.39 -11.11 -2.85
CA PRO A 154 19.94 -9.77 -3.08
C PRO A 154 18.86 -8.76 -3.44
N LEU A 155 18.98 -7.52 -2.96
CA LEU A 155 17.95 -6.52 -3.18
C LEU A 155 18.28 -5.61 -4.36
N LYS A 156 17.23 -5.20 -5.06
CA LYS A 156 17.33 -4.16 -6.07
C LYS A 156 16.51 -2.99 -5.55
N ARG A 157 16.82 -1.80 -6.01
CA ARG A 157 16.22 -0.57 -5.49
CA ARG A 157 16.17 -0.61 -5.50
C ARG A 157 15.61 0.25 -6.62
N LEU A 158 14.47 0.84 -6.36
CA LEU A 158 13.87 1.76 -7.31
C LEU A 158 13.28 2.94 -6.51
N LEU A 159 13.59 4.16 -6.94
CA LEU A 159 12.91 5.32 -6.37
C LEU A 159 11.46 5.38 -6.83
N LEU A 160 10.54 5.44 -5.88
CA LEU A 160 9.14 5.70 -6.23
C LEU A 160 8.79 7.15 -5.89
N GLU A 161 8.18 7.84 -6.85
CA GLU A 161 7.87 9.25 -6.67
C GLU A 161 6.38 9.54 -6.71
N HIS A 162 6.02 10.74 -6.28
CA HIS A 162 4.65 11.23 -6.26
C HIS A 162 3.90 10.89 -7.55
N GLY A 163 2.82 10.14 -7.41
CA GLY A 163 1.99 9.77 -8.55
C GLY A 163 2.35 8.46 -9.21
N ASP A 164 3.49 7.88 -8.84
CA ASP A 164 3.87 6.59 -9.43
C ASP A 164 2.94 5.47 -8.97
N VAL A 165 2.64 4.58 -9.91
CA VAL A 165 1.84 3.40 -9.64
C VAL A 165 2.62 2.17 -10.08
N VAL A 166 2.67 1.18 -9.22
CA VAL A 166 3.28 -0.10 -9.59
C VAL A 166 2.18 -1.15 -9.55
N VAL A 167 2.07 -1.92 -10.63
CA VAL A 167 1.18 -3.07 -10.62
C VAL A 167 2.01 -4.32 -10.42
N TRP A 168 1.90 -4.90 -9.23
CA TRP A 168 2.80 -5.94 -8.75
C TRP A 168 2.15 -7.29 -9.02
N GLY A 169 2.54 -7.93 -10.11
CA GLY A 169 1.94 -9.20 -10.49
C GLY A 169 2.94 -10.18 -11.08
N GLY A 170 2.44 -11.25 -11.68
CA GLY A 170 3.29 -12.27 -12.26
C GLY A 170 4.29 -12.80 -11.26
N GLU A 171 5.52 -13.04 -11.73
CA GLU A 171 6.54 -13.66 -10.90
C GLU A 171 6.88 -12.87 -9.64
N SER A 172 6.80 -11.54 -9.72
CA SER A 172 7.23 -10.68 -8.62
CA SER A 172 7.24 -10.70 -8.61
C SER A 172 6.22 -10.68 -7.49
N ARG A 173 5.02 -11.17 -7.77
CA ARG A 173 3.92 -11.13 -6.81
C ARG A 173 4.36 -11.54 -5.39
N LEU A 174 5.11 -12.62 -5.29
CA LEU A 174 5.49 -13.16 -3.98
C LEU A 174 6.86 -12.70 -3.45
N PHE A 175 7.57 -11.90 -4.23
CA PHE A 175 8.90 -11.44 -3.82
C PHE A 175 8.88 -10.62 -2.53
N TYR A 176 9.91 -10.79 -1.71
CA TYR A 176 10.15 -9.93 -0.56
C TYR A 176 10.41 -8.50 -1.02
N HIS A 177 9.92 -7.53 -0.27
CA HIS A 177 10.11 -6.12 -0.63
C HIS A 177 9.89 -5.23 0.57
N GLY A 178 10.29 -3.96 0.45
CA GLY A 178 10.20 -3.06 1.57
C GLY A 178 10.51 -1.64 1.16
N ILE A 179 10.52 -0.75 2.14
CA ILE A 179 10.77 0.66 1.90
C ILE A 179 11.87 1.14 2.84
N GLN A 180 12.87 1.81 2.31
CA GLN A 180 13.97 2.34 3.12
C GLN A 180 13.53 3.59 3.88
N PRO A 181 14.19 3.89 5.02
CA PRO A 181 13.83 5.06 5.81
C PRO A 181 13.54 6.27 4.93
N LEU A 182 12.36 6.86 5.12
CA LEU A 182 11.95 8.03 4.36
C LEU A 182 12.87 9.21 4.63
N LYS A 183 13.49 9.68 3.55
CA LYS A 183 14.27 10.90 3.58
C LYS A 183 13.35 12.07 3.92
N ALA A 184 13.76 12.88 4.88
CA ALA A 184 13.06 14.10 5.21
C ALA A 184 12.97 14.98 3.96
N GLY A 185 11.85 15.67 3.83
CA GLY A 185 11.63 16.56 2.69
C GLY A 185 10.29 17.23 2.80
N PHE A 186 9.88 17.89 1.72
CA PHE A 186 8.59 18.57 1.70
C PHE A 186 7.87 18.40 0.38
N HIS A 187 6.57 18.21 0.47
CA HIS A 187 5.72 18.13 -0.71
C HIS A 187 4.49 18.99 -0.46
N PRO A 188 4.10 19.79 -1.46
CA PRO A 188 2.94 20.67 -1.30
C PRO A 188 1.68 19.95 -0.85
N LEU A 189 1.42 18.76 -1.38
CA LEU A 189 0.16 18.06 -1.12
C LEU A 189 0.12 17.24 0.18
N THR A 190 1.28 16.77 0.63
CA THR A 190 1.33 15.89 1.80
C THR A 190 2.07 16.49 2.98
N ILE A 191 2.62 17.68 2.75
CA ILE A 191 3.49 18.35 3.72
C ILE A 191 4.83 17.64 3.87
N ASP A 192 4.95 16.79 4.88
CA ASP A 192 6.21 16.13 5.19
C ASP A 192 6.10 14.59 5.20
N CYS A 193 5.10 14.06 4.51
CA CYS A 193 4.94 12.61 4.51
CA CYS A 193 4.82 12.62 4.51
C CYS A 193 4.78 12.01 3.11
N ARG A 194 4.83 10.69 3.07
CA ARG A 194 4.52 9.94 1.87
C ARG A 194 3.34 9.05 2.23
N TYR A 195 2.40 8.93 1.31
CA TYR A 195 1.33 7.95 1.48
C TYR A 195 1.52 6.90 0.42
N ASN A 196 1.13 5.68 0.77
CA ASN A 196 1.07 4.60 -0.19
C ASN A 196 -0.26 3.87 -0.08
N LEU A 197 -0.90 3.65 -1.23
CA LEU A 197 -2.10 2.83 -1.29
C LEU A 197 -1.76 1.47 -1.90
N THR A 198 -2.14 0.38 -1.25
CA THR A 198 -2.03 -0.93 -1.89
C THR A 198 -3.40 -1.58 -1.95
N PHE A 199 -3.86 -1.78 -3.18
CA PHE A 199 -5.16 -2.38 -3.47
C PHE A 199 -5.02 -3.88 -3.63
N ARG A 200 -5.94 -4.62 -3.00
CA ARG A 200 -5.87 -6.07 -2.95
C ARG A 200 -7.22 -6.74 -3.15
N GLN A 201 -7.20 -7.91 -3.78
CA GLN A 201 -8.33 -8.82 -3.71
C GLN A 201 -8.08 -9.70 -2.51
N ALA A 202 -8.82 -9.43 -1.44
CA ALA A 202 -8.59 -10.09 -0.16
C ALA A 202 -9.70 -11.08 0.19
N GLY A 203 -10.85 -10.97 -0.46
CA GLY A 203 -11.97 -11.85 -0.20
C GLY A 203 -11.77 -13.23 -0.79
N LYS A 204 -12.35 -14.24 -0.14
CA LYS A 204 -12.21 -15.62 -0.60
C LYS A 204 -12.98 -15.86 -1.89
#